data_6PDP
#
_entry.id   6PDP
#
_cell.length_a   94.140
_cell.length_b   94.140
_cell.length_c   80.131
_cell.angle_alpha   90.000
_cell.angle_beta   90.000
_cell.angle_gamma   120.000
#
_symmetry.space_group_name_H-M   'P 65'
#
loop_
_entity.id
_entity.type
_entity.pdbx_description
1 polymer 'Serine/threonine-protein kinase pim-1'
2 polymer Peptide
3 non-polymer 'SULFATE ION'
4 non-polymer 5-[2-(acetylamino)-1-benzothiophen-4-yl]-N-cyclopropylthiophene-2-carboxamide
5 water water
#
loop_
_entity_poly.entity_id
_entity_poly.type
_entity_poly.pdbx_seq_one_letter_code
_entity_poly.pdbx_strand_id
1 'polypeptide(L)'
;SMLLSKINSLAHLRAAPCNDLHATKLAPGKEKEPLESQYQVGPLLGSGGFGSVYSGIRVSDNLPVAIKHVEKDRISDWGE
LPNGTRVPMEVVLLKKVSSGFSGVIRLLDWFERPDSFVLILERPEPVQDLFDFITERGALQEELARSFFWQVLEAVRHCH
NCGVLHRDIKDENILIDLNRGELKLIDFGSGALLKDTVYTDFDGTRVYSPPEWIRYHRYHGRSAAVWSLGILLYDMVCGD
IPFEHDEEIIGGQVFFRQRVSSECQHLIRWCLALRPSDRPTFEEIQNHPWMQDVLLPQETAEIHLHSLSPGPS
;
A
2 'polypeptide(L)' ARKRRRHPSGPPTA B
#
loop_
_chem_comp.id
_chem_comp.type
_chem_comp.name
_chem_comp.formula
OBY non-polymer 5-[2-(acetylamino)-1-benzothiophen-4-yl]-N-cyclopropylthiophene-2-carboxamide 'C18 H16 N2 O2 S2'
SO4 non-polymer 'SULFATE ION' 'O4 S -2'
#
# COMPACT_ATOMS: atom_id res chain seq x y z
N SER A 37 -8.86 25.97 -9.49
CA SER A 37 -10.07 26.87 -9.49
C SER A 37 -11.35 26.08 -9.24
N GLN A 38 -11.35 24.80 -9.63
CA GLN A 38 -12.48 23.91 -9.42
C GLN A 38 -12.52 23.44 -7.97
N TYR A 39 -11.35 23.51 -7.32
CA TYR A 39 -11.15 22.98 -5.97
C TYR A 39 -10.59 24.07 -5.07
N GLN A 40 -10.99 24.06 -3.79
CA GLN A 40 -10.44 24.93 -2.77
C GLN A 40 -9.39 24.16 -1.96
N VAL A 41 -8.15 24.65 -2.00
CA VAL A 41 -7.02 24.05 -1.31
C VAL A 41 -7.16 24.38 0.18
N GLY A 42 -6.66 23.50 1.04
CA GLY A 42 -6.63 23.70 2.48
C GLY A 42 -5.26 23.34 3.07
N PRO A 43 -5.21 22.91 4.35
CA PRO A 43 -3.93 22.62 5.02
C PRO A 43 -3.27 21.33 4.53
N LEU A 44 -1.93 21.32 4.62
CA LEU A 44 -1.10 20.13 4.46
C LEU A 44 -1.70 19.00 5.29
N LEU A 45 -1.35 17.75 4.96
CA LEU A 45 -1.92 16.60 5.66
C LEU A 45 -0.93 16.06 6.70
N GLY A 48 2.49 11.84 7.75
CA GLY A 48 3.08 11.68 6.40
C GLY A 48 4.15 12.74 6.12
N GLY A 49 5.42 12.34 6.30
CA GLY A 49 6.55 13.23 6.13
C GLY A 49 7.15 13.15 4.72
N PHE A 50 7.62 14.31 4.22
CA PHE A 50 8.28 14.46 2.94
C PHE A 50 7.30 14.27 1.78
N GLY A 51 6.00 14.18 2.10
CA GLY A 51 4.96 14.00 1.11
C GLY A 51 4.10 15.25 0.96
N SER A 52 4.01 15.78 -0.27
CA SER A 52 3.39 17.06 -0.52
C SER A 52 1.92 16.91 -0.90
N VAL A 53 1.08 16.57 0.09
CA VAL A 53 -0.34 16.30 -0.13
C VAL A 53 -1.17 17.20 0.77
N TYR A 54 -2.16 17.87 0.17
CA TYR A 54 -2.98 18.82 0.89
C TYR A 54 -4.43 18.34 0.94
N SER A 55 -5.21 18.94 1.84
CA SER A 55 -6.64 18.67 1.96
C SER A 55 -7.38 19.65 1.06
N GLY A 56 -8.46 19.19 0.41
CA GLY A 56 -9.15 20.01 -0.57
C GLY A 56 -10.63 19.70 -0.62
N ILE A 57 -11.39 20.62 -1.24
CA ILE A 57 -12.82 20.47 -1.47
C ILE A 57 -13.11 20.90 -2.91
N ARG A 58 -13.78 20.01 -3.66
CA ARG A 58 -14.34 20.37 -4.96
C ARG A 58 -15.56 21.27 -4.72
N VAL A 59 -15.49 22.51 -5.23
CA VAL A 59 -16.50 23.51 -4.93
C VAL A 59 -17.82 23.18 -5.64
N SER A 60 -17.76 22.32 -6.67
CA SER A 60 -18.93 21.98 -7.45
C SER A 60 -19.94 21.18 -6.63
N ASP A 61 -19.48 20.08 -6.00
CA ASP A 61 -20.36 19.20 -5.25
C ASP A 61 -19.94 19.14 -3.78
N ASN A 62 -19.04 20.06 -3.39
CA ASN A 62 -18.52 20.14 -2.03
C ASN A 62 -17.94 18.77 -1.63
N LEU A 63 -17.10 18.21 -2.50
CA LEU A 63 -16.59 16.86 -2.31
C LEU A 63 -15.17 16.88 -1.73
N PRO A 64 -14.90 16.08 -0.68
CA PRO A 64 -13.57 16.02 -0.08
C PRO A 64 -12.58 15.34 -1.03
N VAL A 65 -11.44 16.01 -1.23
CA VAL A 65 -10.41 15.50 -2.13
C VAL A 65 -9.05 15.66 -1.46
N ALA A 66 -8.04 15.00 -2.05
CA ALA A 66 -6.66 15.17 -1.65
C ALA A 66 -5.89 15.69 -2.85
N ILE A 67 -5.02 16.67 -2.64
CA ILE A 67 -4.34 17.34 -3.74
C ILE A 67 -2.84 17.08 -3.64
N LYS A 68 -2.35 16.15 -4.46
CA LYS A 68 -0.94 15.79 -4.41
C LYS A 68 -0.17 16.58 -5.46
N HIS A 69 0.94 17.21 -5.05
CA HIS A 69 1.83 17.89 -5.97
C HIS A 69 3.09 17.06 -6.15
N VAL A 70 3.52 16.89 -7.41
CA VAL A 70 4.77 16.21 -7.70
C VAL A 70 5.68 17.15 -8.48
N GLU A 71 6.91 17.29 -7.98
CA GLU A 71 7.90 18.18 -8.56
C GLU A 71 8.54 17.49 -9.75
N LYS A 72 8.46 18.14 -10.93
CA LYS A 72 8.90 17.57 -12.20
C LYS A 72 10.37 17.18 -12.12
N ASP A 73 11.14 17.91 -11.31
CA ASP A 73 12.58 17.77 -11.25
C ASP A 73 12.93 16.60 -10.32
N ARG A 74 11.91 16.07 -9.64
CA ARG A 74 12.10 14.98 -8.69
C ARG A 74 11.59 13.67 -9.30
N ILE A 75 10.83 13.77 -10.39
CA ILE A 75 10.24 12.60 -11.04
C ILE A 75 11.35 11.74 -11.62
N SER A 76 11.43 10.49 -11.12
CA SER A 76 12.46 9.56 -11.55
C SER A 76 11.95 8.71 -12.72
N ASP A 77 10.71 8.20 -12.61
CA ASP A 77 10.12 7.37 -13.64
C ASP A 77 9.03 8.14 -14.40
N TRP A 78 9.28 8.35 -15.69
CA TRP A 78 8.35 9.06 -16.56
C TRP A 78 7.55 8.06 -17.38
N GLY A 79 6.25 8.33 -17.53
CA GLY A 79 5.37 7.52 -18.36
C GLY A 79 4.87 8.32 -19.55
N GLU A 80 4.10 7.64 -20.41
CA GLU A 80 3.49 8.25 -21.58
C GLU A 80 2.02 7.84 -21.66
N LEU A 81 1.15 8.82 -21.90
CA LEU A 81 -0.28 8.57 -22.04
C LEU A 81 -0.58 7.99 -23.42
N PRO A 82 -1.83 7.53 -23.68
CA PRO A 82 -2.24 7.15 -25.03
C PRO A 82 -2.12 8.31 -26.01
N ASN A 83 -2.26 9.54 -25.48
CA ASN A 83 -2.24 10.76 -26.26
C ASN A 83 -0.80 11.13 -26.63
N GLY A 84 0.17 10.38 -26.09
CA GLY A 84 1.58 10.68 -26.29
C GLY A 84 2.07 11.75 -25.33
N THR A 85 1.19 12.18 -24.42
CA THR A 85 1.51 13.14 -23.38
C THR A 85 2.41 12.48 -22.34
N ARG A 86 3.58 13.11 -22.10
CA ARG A 86 4.56 12.64 -21.14
C ARG A 86 4.11 13.08 -19.74
N VAL A 87 3.78 12.10 -18.88
CA VAL A 87 3.35 12.36 -17.50
C VAL A 87 4.11 11.45 -16.54
N PRO A 88 4.09 11.70 -15.21
CA PRO A 88 4.74 10.81 -14.25
C PRO A 88 4.05 9.45 -14.18
N MET A 89 4.86 8.40 -14.04
CA MET A 89 4.37 7.02 -14.05
C MET A 89 3.10 6.91 -13.21
N GLU A 90 3.05 7.69 -12.13
CA GLU A 90 2.01 7.58 -11.11
C GLU A 90 0.63 7.82 -11.71
N VAL A 91 0.57 8.76 -12.66
CA VAL A 91 -0.69 9.16 -13.28
C VAL A 91 -1.17 8.03 -14.18
N VAL A 92 -0.21 7.36 -14.84
CA VAL A 92 -0.53 6.26 -15.73
C VAL A 92 -1.13 5.13 -14.90
N LEU A 93 -0.48 4.84 -13.77
CA LEU A 93 -0.86 3.72 -12.93
C LEU A 93 -2.21 3.98 -12.28
N LEU A 94 -2.43 5.23 -11.85
CA LEU A 94 -3.69 5.59 -11.24
C LEU A 94 -4.82 5.50 -12.25
N LYS A 95 -4.52 5.87 -13.51
CA LYS A 95 -5.53 5.85 -14.55
C LYS A 95 -5.99 4.42 -14.83
N LYS A 96 -5.03 3.48 -14.83
CA LYS A 96 -5.28 2.08 -15.19
C LYS A 96 -6.07 1.36 -14.10
N VAL A 97 -6.01 1.85 -12.85
CA VAL A 97 -6.57 1.09 -11.74
C VAL A 97 -7.87 1.71 -11.26
N SER A 98 -8.22 2.87 -11.85
CA SER A 98 -9.35 3.68 -11.42
C SER A 98 -10.60 3.30 -12.21
N SER A 99 -11.01 2.03 -12.10
CA SER A 99 -12.17 1.56 -12.83
C SER A 99 -13.39 1.48 -11.91
N GLY A 100 -13.28 2.05 -10.70
CA GLY A 100 -14.41 2.14 -9.79
C GLY A 100 -14.45 1.01 -8.75
N PHE A 101 -13.34 0.26 -8.65
CA PHE A 101 -13.14 -0.69 -7.57
C PHE A 101 -12.61 0.07 -6.37
N SER A 102 -13.44 0.13 -5.31
CA SER A 102 -13.27 1.02 -4.18
C SER A 102 -12.02 0.69 -3.36
N GLY A 103 -11.30 -0.38 -3.74
CA GLY A 103 -10.14 -0.84 -2.99
C GLY A 103 -8.91 0.04 -3.20
N VAL A 104 -8.87 0.76 -4.32
CA VAL A 104 -7.78 1.67 -4.62
C VAL A 104 -8.35 3.08 -4.67
N ILE A 105 -7.60 4.05 -4.12
CA ILE A 105 -7.98 5.45 -4.22
C ILE A 105 -7.96 5.84 -5.70
N ARG A 106 -9.08 6.41 -6.15
CA ARG A 106 -9.24 6.78 -7.54
C ARG A 106 -8.66 8.18 -7.77
N LEU A 107 -8.03 8.36 -8.94
CA LEU A 107 -7.61 9.67 -9.41
C LEU A 107 -8.79 10.36 -10.06
N LEU A 108 -9.16 11.54 -9.55
CA LEU A 108 -10.36 12.22 -10.00
C LEU A 108 -10.02 13.22 -11.10
N ASP A 109 -8.73 13.55 -11.24
CA ASP A 109 -8.28 14.60 -12.14
C ASP A 109 -6.79 14.84 -11.91
N TRP A 110 -6.14 15.49 -12.89
CA TRP A 110 -4.76 15.91 -12.78
C TRP A 110 -4.51 17.12 -13.66
N PHE A 111 -3.45 17.88 -13.36
CA PHE A 111 -3.09 19.06 -14.12
C PHE A 111 -1.58 19.09 -14.33
N GLU A 112 -1.15 19.74 -15.42
CA GLU A 112 0.26 20.02 -15.60
C GLU A 112 0.52 21.48 -15.25
N ARG A 113 1.66 21.73 -14.59
CA ARG A 113 2.11 23.08 -14.28
C ARG A 113 3.57 23.22 -14.72
N PRO A 114 4.09 24.45 -14.90
CA PRO A 114 5.47 24.63 -15.34
C PRO A 114 6.47 23.67 -14.72
N ASP A 115 6.43 23.53 -13.38
CA ASP A 115 7.50 22.80 -12.70
C ASP A 115 6.99 21.59 -11.92
N SER A 116 5.68 21.31 -12.03
CA SER A 116 5.07 20.27 -11.23
C SER A 116 3.89 19.62 -11.96
N PHE A 117 3.40 18.51 -11.38
CA PHE A 117 2.10 17.95 -11.67
C PHE A 117 1.25 17.94 -10.40
N VAL A 118 -0.06 18.08 -10.59
CA VAL A 118 -1.03 18.17 -9.50
C VAL A 118 -2.05 17.07 -9.69
N LEU A 119 -2.28 16.27 -8.64
CA LEU A 119 -3.20 15.14 -8.75
C LEU A 119 -4.35 15.37 -7.78
N ILE A 120 -5.58 15.14 -8.24
CA ILE A 120 -6.74 15.20 -7.36
C ILE A 120 -7.23 13.78 -7.11
N LEU A 121 -7.22 13.39 -5.84
CA LEU A 121 -7.57 12.04 -5.43
C LEU A 121 -8.75 12.14 -4.48
N GLU A 122 -9.57 11.08 -4.45
CA GLU A 122 -10.70 11.06 -3.54
C GLU A 122 -10.17 11.03 -2.11
N ARG A 123 -10.91 11.68 -1.20
CA ARG A 123 -10.57 11.66 0.20
C ARG A 123 -11.76 11.16 1.00
N PRO A 124 -11.69 9.95 1.58
CA PRO A 124 -12.72 9.47 2.49
C PRO A 124 -12.75 10.30 3.76
N GLU A 125 -13.93 10.34 4.40
CA GLU A 125 -14.13 11.07 5.65
C GLU A 125 -15.14 10.30 6.49
N PRO A 126 -14.80 9.93 7.75
CA PRO A 126 -13.47 10.15 8.31
C PRO A 126 -12.49 9.03 8.02
N VAL A 127 -11.20 9.38 7.96
CA VAL A 127 -10.16 8.44 7.57
C VAL A 127 -8.98 8.55 8.55
N GLN A 128 -8.35 7.39 8.81
CA GLN A 128 -7.06 7.31 9.47
C GLN A 128 -6.19 6.25 8.78
N ASP A 129 -4.92 6.58 8.54
CA ASP A 129 -4.03 5.65 7.88
C ASP A 129 -3.70 4.48 8.82
N LEU A 130 -3.34 3.34 8.24
CA LEU A 130 -3.21 2.14 9.04
C LEU A 130 -2.02 2.27 9.97
N PHE A 131 -1.02 3.05 9.58
CA PHE A 131 0.16 3.26 10.41
C PHE A 131 -0.24 3.89 11.75
N ASP A 132 -0.89 5.05 11.67
CA ASP A 132 -1.37 5.74 12.86
C ASP A 132 -2.29 4.82 13.65
N PHE A 133 -3.09 4.04 12.94
CA PHE A 133 -4.08 3.16 13.55
C PHE A 133 -3.38 2.10 14.41
N ILE A 134 -2.35 1.45 13.86
CA ILE A 134 -1.62 0.44 14.61
C ILE A 134 -0.89 1.09 15.78
N THR A 135 -0.28 2.26 15.55
CA THR A 135 0.42 2.99 16.61
C THR A 135 -0.52 3.17 17.80
N GLU A 136 -1.75 3.63 17.51
CA GLU A 136 -2.67 4.03 18.55
C GLU A 136 -3.31 2.83 19.22
N ARG A 137 -3.42 1.70 18.51
CA ARG A 137 -4.18 0.57 19.02
C ARG A 137 -3.26 -0.60 19.37
N GLY A 138 -2.00 -0.53 18.94
CA GLY A 138 -1.07 -1.64 19.13
C GLY A 138 -1.49 -2.82 18.26
N ALA A 139 -0.96 -4.01 18.58
CA ALA A 139 -1.29 -5.24 17.88
C ALA A 139 -2.81 -5.39 17.77
N LEU A 140 -3.26 -5.70 16.55
CA LEU A 140 -4.67 -5.86 16.24
C LEU A 140 -5.10 -7.30 16.49
N GLN A 141 -6.32 -7.47 16.98
CA GLN A 141 -6.95 -8.78 17.06
C GLN A 141 -6.91 -9.43 15.68
N GLU A 142 -6.72 -10.76 15.65
CA GLU A 142 -6.60 -11.49 14.39
C GLU A 142 -7.80 -11.25 13.48
N GLU A 143 -9.00 -11.17 14.08
CA GLU A 143 -10.20 -11.00 13.31
C GLU A 143 -10.11 -9.71 12.48
N LEU A 144 -9.69 -8.62 13.13
CA LEU A 144 -9.61 -7.34 12.45
C LEU A 144 -8.48 -7.39 11.43
N ALA A 145 -7.36 -8.00 11.82
CA ALA A 145 -6.17 -8.12 10.99
C ALA A 145 -6.53 -8.88 9.71
N ARG A 146 -7.41 -9.88 9.87
CA ARG A 146 -7.84 -10.75 8.79
C ARG A 146 -8.64 -9.96 7.77
N SER A 147 -9.66 -9.24 8.26
CA SER A 147 -10.48 -8.36 7.44
C SER A 147 -9.61 -7.35 6.68
N PHE A 148 -8.69 -6.71 7.39
CA PHE A 148 -7.83 -5.69 6.80
C PHE A 148 -6.95 -6.31 5.72
N PHE A 149 -6.30 -7.43 6.08
CA PHE A 149 -5.35 -8.09 5.20
C PHE A 149 -6.04 -8.52 3.91
N TRP A 150 -7.20 -9.18 4.05
CA TRP A 150 -8.00 -9.61 2.92
C TRP A 150 -8.29 -8.43 2.00
N GLN A 151 -8.79 -7.33 2.58
CA GLN A 151 -9.08 -6.14 1.80
C GLN A 151 -7.82 -5.70 1.06
N VAL A 152 -6.67 -5.76 1.71
CA VAL A 152 -5.46 -5.31 1.06
C VAL A 152 -5.11 -6.24 -0.11
N LEU A 153 -5.28 -7.55 0.09
CA LEU A 153 -4.99 -8.51 -0.96
C LEU A 153 -5.88 -8.26 -2.18
N GLU A 154 -7.19 -8.16 -1.95
CA GLU A 154 -8.12 -7.86 -3.03
C GLU A 154 -7.64 -6.63 -3.80
N ALA A 155 -7.20 -5.59 -3.08
CA ALA A 155 -6.78 -4.34 -3.70
C ALA A 155 -5.53 -4.54 -4.54
N VAL A 156 -4.58 -5.35 -4.03
CA VAL A 156 -3.32 -5.60 -4.71
C VAL A 156 -3.56 -6.47 -5.95
N ARG A 157 -4.45 -7.46 -5.84
CA ARG A 157 -4.82 -8.30 -6.96
C ARG A 157 -5.37 -7.45 -8.10
N HIS A 158 -6.21 -6.48 -7.74
CA HIS A 158 -6.86 -5.62 -8.72
C HIS A 158 -5.81 -4.79 -9.46
N CYS A 159 -4.82 -4.27 -8.72
CA CYS A 159 -3.70 -3.54 -9.30
C CYS A 159 -3.04 -4.40 -10.39
N HIS A 160 -2.73 -5.65 -10.03
CA HIS A 160 -2.00 -6.59 -10.88
C HIS A 160 -2.82 -6.94 -12.11
N ASN A 161 -4.13 -7.14 -11.92
CA ASN A 161 -5.03 -7.40 -13.02
C ASN A 161 -5.04 -6.21 -13.97
N CYS A 162 -4.71 -5.01 -13.47
CA CYS A 162 -4.74 -3.82 -14.29
C CYS A 162 -3.36 -3.48 -14.83
N GLY A 163 -2.37 -4.34 -14.57
CA GLY A 163 -1.04 -4.15 -15.12
C GLY A 163 -0.18 -3.17 -14.32
N VAL A 164 -0.55 -2.97 -13.04
CA VAL A 164 0.13 -2.02 -12.17
C VAL A 164 0.72 -2.76 -10.97
N LEU A 165 1.97 -2.42 -10.64
CA LEU A 165 2.63 -2.94 -9.45
C LEU A 165 2.91 -1.79 -8.48
N HIS A 166 2.43 -1.91 -7.24
CA HIS A 166 2.51 -0.83 -6.26
C HIS A 166 3.95 -0.55 -5.84
N ARG A 167 4.64 -1.59 -5.35
CA ARG A 167 6.06 -1.57 -5.00
C ARG A 167 6.28 -0.98 -3.60
N ASP A 168 5.24 -0.37 -3.01
CA ASP A 168 5.42 0.30 -1.72
C ASP A 168 4.26 -0.01 -0.77
N ILE A 169 3.90 -1.29 -0.69
CA ILE A 169 2.84 -1.71 0.19
C ILE A 169 3.33 -1.62 1.63
N LYS A 170 2.62 -0.84 2.45
CA LYS A 170 2.95 -0.65 3.85
C LYS A 170 1.76 0.00 4.57
N ASP A 171 1.77 -0.03 5.91
CA ASP A 171 0.65 0.47 6.69
C ASP A 171 0.42 1.95 6.42
N GLU A 172 1.50 2.68 6.08
CA GLU A 172 1.43 4.12 5.85
C GLU A 172 0.62 4.40 4.60
N ASN A 173 0.58 3.41 3.69
CA ASN A 173 0.07 3.59 2.34
C ASN A 173 -1.33 2.99 2.21
N ILE A 174 -1.99 2.75 3.34
CA ILE A 174 -3.31 2.17 3.36
C ILE A 174 -4.20 3.09 4.19
N LEU A 175 -5.31 3.54 3.60
CA LEU A 175 -6.23 4.39 4.34
C LEU A 175 -7.41 3.55 4.84
N ILE A 176 -7.93 3.88 6.04
CA ILE A 176 -9.12 3.21 6.55
C ILE A 176 -10.29 4.18 6.52
N ASP A 177 -11.33 3.81 5.76
CA ASP A 177 -12.62 4.47 5.90
C ASP A 177 -13.28 3.96 7.17
N LEU A 178 -13.21 4.77 8.23
CA LEU A 178 -13.68 4.39 9.55
C LEU A 178 -15.20 4.16 9.57
N ASN A 179 -15.92 4.77 8.63
CA ASN A 179 -17.37 4.64 8.62
C ASN A 179 -17.78 3.37 7.89
N ARG A 180 -17.18 3.15 6.72
CA ARG A 180 -17.54 2.05 5.86
C ARG A 180 -16.78 0.77 6.24
N GLY A 181 -15.63 0.93 6.92
CA GLY A 181 -14.79 -0.20 7.23
C GLY A 181 -14.05 -0.73 6.00
N GLU A 182 -13.86 0.14 5.01
CA GLU A 182 -13.20 -0.17 3.76
C GLU A 182 -11.76 0.35 3.82
N LEU A 183 -10.81 -0.48 3.38
CA LEU A 183 -9.43 -0.04 3.25
C LEU A 183 -9.19 0.41 1.81
N LYS A 184 -8.34 1.43 1.65
CA LYS A 184 -7.99 1.92 0.33
C LYS A 184 -6.47 2.14 0.25
N LEU A 185 -5.88 1.58 -0.81
CA LEU A 185 -4.46 1.62 -1.07
C LEU A 185 -4.14 2.99 -1.68
N ILE A 186 -3.04 3.64 -1.25
CA ILE A 186 -2.68 4.94 -1.76
C ILE A 186 -1.21 4.98 -2.20
N ASP A 187 -0.85 6.11 -2.82
CA ASP A 187 0.50 6.51 -3.15
C ASP A 187 1.18 5.52 -4.09
N PHE A 188 1.06 5.79 -5.39
CA PHE A 188 1.64 4.97 -6.44
C PHE A 188 2.91 5.62 -6.99
N GLY A 189 3.53 6.49 -6.19
CA GLY A 189 4.71 7.23 -6.63
C GLY A 189 5.95 6.36 -6.77
N SER A 190 5.89 5.13 -6.26
CA SER A 190 7.03 4.21 -6.32
C SER A 190 6.67 3.04 -7.23
N GLY A 191 5.44 3.09 -7.76
CA GLY A 191 4.90 2.02 -8.58
C GLY A 191 5.63 1.86 -9.92
N ALA A 192 5.24 0.83 -10.67
CA ALA A 192 5.70 0.62 -12.02
C ALA A 192 4.61 -0.16 -12.77
N LEU A 193 4.75 -0.27 -14.09
CA LEU A 193 3.93 -1.19 -14.86
C LEU A 193 4.30 -2.61 -14.45
N LEU A 194 3.29 -3.46 -14.23
CA LEU A 194 3.55 -4.84 -13.91
C LEU A 194 4.21 -5.53 -15.09
N LYS A 195 5.26 -6.31 -14.81
CA LYS A 195 5.91 -7.11 -15.83
C LYS A 195 6.35 -8.43 -15.20
N ASP A 196 6.37 -9.49 -16.02
CA ASP A 196 6.63 -10.82 -15.51
C ASP A 196 8.14 -11.09 -15.48
N THR A 197 8.92 -10.09 -15.89
CA THR A 197 10.38 -10.21 -15.92
C THR A 197 10.98 -9.57 -14.67
N VAL A 198 12.31 -9.53 -14.61
CA VAL A 198 13.04 -9.12 -13.42
C VAL A 198 13.11 -7.59 -13.36
N TYR A 199 13.01 -7.04 -12.13
CA TYR A 199 13.16 -5.62 -11.87
C TYR A 199 14.53 -5.34 -11.26
N THR A 200 15.17 -4.27 -11.71
CA THR A 200 16.52 -3.94 -11.24
C THR A 200 16.57 -2.53 -10.66
N ASP A 201 15.38 -1.92 -10.51
CA ASP A 201 15.22 -0.61 -9.88
C ASP A 201 14.27 -0.78 -8.69
N PHE A 202 14.39 0.11 -7.69
CA PHE A 202 13.50 0.15 -6.55
C PHE A 202 13.67 1.45 -5.79
N ASP A 203 12.55 2.12 -5.49
CA ASP A 203 12.55 3.32 -4.68
CA ASP A 203 12.53 3.34 -4.69
C ASP A 203 11.36 3.31 -3.71
N GLY A 204 11.02 2.11 -3.25
CA GLY A 204 10.01 1.93 -2.21
C GLY A 204 10.64 2.01 -0.82
N THR A 205 10.00 1.36 0.16
CA THR A 205 10.47 1.40 1.53
C THR A 205 11.38 0.19 1.80
N ARG A 206 12.60 0.46 2.25
CA ARG A 206 13.62 -0.57 2.35
C ARG A 206 13.22 -1.66 3.34
N VAL A 207 12.66 -1.26 4.49
CA VAL A 207 12.35 -2.21 5.56
C VAL A 207 11.25 -3.18 5.13
N TYR A 208 10.57 -2.85 4.01
CA TYR A 208 9.52 -3.67 3.43
C TYR A 208 10.04 -4.44 2.21
N SER A 209 11.25 -4.09 1.74
CA SER A 209 11.83 -4.70 0.55
C SER A 209 12.31 -6.12 0.85
N PRO A 210 12.35 -7.02 -0.15
CA PRO A 210 12.65 -8.43 0.09
C PRO A 210 14.16 -8.69 0.08
N PRO A 211 14.59 -9.88 0.56
CA PRO A 211 16.01 -10.20 0.70
C PRO A 211 16.76 -10.09 -0.64
N GLU A 212 16.10 -10.59 -1.70
CA GLU A 212 16.70 -10.66 -3.02
C GLU A 212 17.11 -9.26 -3.49
N TRP A 213 16.29 -8.24 -3.13
CA TRP A 213 16.63 -6.88 -3.48
C TRP A 213 17.87 -6.44 -2.73
N ILE A 214 17.89 -6.76 -1.43
CA ILE A 214 18.89 -6.27 -0.49
C ILE A 214 20.27 -6.71 -0.96
N ARG A 215 20.37 -7.96 -1.42
CA ARG A 215 21.69 -8.55 -1.66
C ARG A 215 21.96 -8.77 -3.15
N TYR A 216 20.96 -8.63 -4.02
CA TYR A 216 21.19 -8.89 -5.44
C TYR A 216 20.77 -7.72 -6.33
N HIS A 217 19.97 -6.78 -5.78
CA HIS A 217 19.48 -5.64 -6.54
C HIS A 217 18.52 -6.07 -7.65
N ARG A 218 17.84 -7.21 -7.44
CA ARG A 218 16.87 -7.71 -8.39
C ARG A 218 15.75 -8.46 -7.67
N TYR A 219 14.53 -8.42 -8.26
CA TYR A 219 13.35 -9.05 -7.71
C TYR A 219 12.28 -9.19 -8.79
N HIS A 220 11.29 -10.06 -8.51
CA HIS A 220 10.11 -10.20 -9.34
C HIS A 220 8.93 -9.58 -8.59
N GLY A 221 8.14 -8.78 -9.32
CA GLY A 221 7.04 -8.01 -8.78
C GLY A 221 6.21 -8.79 -7.75
N ARG A 222 5.55 -9.86 -8.21
CA ARG A 222 4.55 -10.54 -7.42
C ARG A 222 5.18 -11.10 -6.15
N SER A 223 6.37 -11.70 -6.28
CA SER A 223 7.04 -12.30 -5.15
C SER A 223 7.50 -11.22 -4.16
N ALA A 224 7.91 -10.06 -4.69
CA ALA A 224 8.29 -8.93 -3.85
C ALA A 224 7.06 -8.43 -3.10
N ALA A 225 5.95 -8.33 -3.82
CA ALA A 225 4.71 -7.88 -3.22
C ALA A 225 4.33 -8.78 -2.04
N VAL A 226 4.35 -10.10 -2.28
CA VAL A 226 4.01 -11.07 -1.25
C VAL A 226 4.93 -10.86 -0.03
N TRP A 227 6.23 -10.67 -0.28
CA TRP A 227 7.14 -10.41 0.83
C TRP A 227 6.62 -9.23 1.65
N SER A 228 6.33 -8.11 0.99
CA SER A 228 5.94 -6.89 1.68
C SER A 228 4.61 -7.11 2.40
N LEU A 229 3.77 -7.99 1.84
CA LEU A 229 2.49 -8.29 2.46
C LEU A 229 2.72 -9.07 3.75
N GLY A 230 3.79 -9.87 3.76
CA GLY A 230 4.19 -10.59 4.97
C GLY A 230 4.67 -9.64 6.06
N ILE A 231 5.44 -8.60 5.67
CA ILE A 231 5.87 -7.56 6.59
C ILE A 231 4.62 -6.90 7.16
N LEU A 232 3.68 -6.59 6.27
CA LEU A 232 2.46 -5.89 6.64
C LEU A 232 1.68 -6.73 7.66
N LEU A 233 1.62 -8.04 7.43
CA LEU A 233 0.75 -8.84 8.28
C LEU A 233 1.34 -8.98 9.68
N TYR A 234 2.65 -9.22 9.73
CA TYR A 234 3.41 -9.18 10.98
C TYR A 234 3.05 -7.90 11.72
N ASP A 235 3.12 -6.77 11.00
CA ASP A 235 2.92 -5.45 11.54
C ASP A 235 1.55 -5.33 12.19
N MET A 236 0.51 -5.85 11.51
CA MET A 236 -0.84 -5.77 12.06
C MET A 236 -0.93 -6.55 13.37
N VAL A 237 -0.33 -7.75 13.38
CA VAL A 237 -0.59 -8.68 14.46
C VAL A 237 0.42 -8.47 15.59
N CYS A 238 1.54 -7.81 15.29
CA CYS A 238 2.57 -7.64 16.29
C CYS A 238 2.63 -6.20 16.78
N GLY A 239 2.11 -5.28 15.97
CA GLY A 239 2.08 -3.88 16.36
C GLY A 239 3.26 -3.12 15.77
N ASP A 240 4.17 -3.85 15.12
CA ASP A 240 5.25 -3.22 14.36
C ASP A 240 5.90 -4.23 13.43
N ILE A 241 6.69 -3.70 12.49
CA ILE A 241 7.38 -4.46 11.45
C ILE A 241 8.44 -5.33 12.10
N PRO A 242 8.80 -6.51 11.52
CA PRO A 242 9.76 -7.41 12.15
C PRO A 242 11.22 -7.04 11.98
N PHE A 243 11.57 -6.35 10.88
CA PHE A 243 12.97 -6.13 10.58
C PHE A 243 13.24 -4.62 10.50
N GLU A 244 14.44 -4.22 10.94
CA GLU A 244 14.88 -2.84 10.84
C GLU A 244 16.16 -2.77 10.00
N HIS A 245 16.98 -3.84 10.04
CA HIS A 245 18.30 -3.83 9.44
C HIS A 245 18.41 -4.89 8.35
N ASP A 246 19.26 -4.61 7.36
CA ASP A 246 19.46 -5.45 6.18
C ASP A 246 19.80 -6.88 6.59
N GLU A 247 20.52 -7.03 7.71
CA GLU A 247 20.96 -8.32 8.21
C GLU A 247 19.74 -9.11 8.69
N GLU A 248 18.80 -8.41 9.31
CA GLU A 248 17.59 -9.06 9.77
C GLU A 248 16.77 -9.50 8.56
N ILE A 249 16.64 -8.60 7.58
CA ILE A 249 15.90 -8.89 6.36
C ILE A 249 16.47 -10.17 5.74
N ILE A 250 17.76 -10.14 5.40
CA ILE A 250 18.48 -11.24 4.79
C ILE A 250 18.39 -12.47 5.68
N GLY A 251 18.31 -12.24 6.99
CA GLY A 251 18.32 -13.31 7.97
C GLY A 251 17.13 -14.26 7.81
N GLY A 252 15.94 -13.69 7.60
CA GLY A 252 14.72 -14.48 7.60
C GLY A 252 14.58 -15.28 8.89
N GLN A 253 14.75 -14.58 10.02
CA GLN A 253 14.40 -15.11 11.32
C GLN A 253 13.22 -14.29 11.83
N VAL A 254 12.07 -14.96 11.97
CA VAL A 254 10.87 -14.22 12.34
C VAL A 254 10.53 -14.54 13.78
N PHE A 255 10.75 -13.56 14.66
CA PHE A 255 10.46 -13.78 16.06
C PHE A 255 9.16 -13.06 16.41
N PHE A 256 8.30 -13.77 17.15
CA PHE A 256 7.03 -13.19 17.55
C PHE A 256 7.12 -12.62 18.96
N ARG A 257 6.77 -11.33 19.05
CA ARG A 257 6.82 -10.57 20.29
C ARG A 257 5.50 -10.73 21.01
N GLN A 258 4.43 -10.95 20.23
CA GLN A 258 3.07 -11.01 20.72
C GLN A 258 2.50 -12.42 20.50
N ARG A 259 1.44 -12.74 21.27
CA ARG A 259 0.67 -13.95 21.00
C ARG A 259 0.03 -13.81 19.64
N VAL A 260 0.45 -14.69 18.72
CA VAL A 260 -0.09 -14.83 17.38
C VAL A 260 -0.39 -16.31 17.20
N SER A 261 -1.51 -16.63 16.57
CA SER A 261 -1.92 -18.01 16.38
C SER A 261 -0.95 -18.70 15.43
N SER A 262 -0.96 -20.04 15.47
CA SER A 262 -0.12 -20.85 14.61
C SER A 262 -0.42 -20.57 13.14
N GLU A 263 -1.72 -20.56 12.78
CA GLU A 263 -2.14 -20.41 11.41
C GLU A 263 -1.53 -19.14 10.84
N CYS A 264 -1.63 -18.06 11.62
CA CYS A 264 -1.18 -16.74 11.20
C CYS A 264 0.34 -16.68 11.11
N GLN A 265 1.02 -17.36 12.04
CA GLN A 265 2.47 -17.41 12.06
C GLN A 265 2.95 -18.15 10.82
N HIS A 266 2.22 -19.21 10.48
CA HIS A 266 2.58 -20.03 9.34
C HIS A 266 2.53 -19.19 8.07
N LEU A 267 1.39 -18.50 7.89
CA LEU A 267 1.21 -17.67 6.71
C LEU A 267 2.28 -16.58 6.65
N ILE A 268 2.61 -15.98 7.81
CA ILE A 268 3.59 -14.91 7.82
C ILE A 268 4.94 -15.47 7.40
N ARG A 269 5.31 -16.59 8.01
CA ARG A 269 6.61 -17.20 7.71
C ARG A 269 6.64 -17.56 6.23
N TRP A 270 5.50 -18.05 5.71
CA TRP A 270 5.45 -18.45 4.32
C TRP A 270 5.76 -17.28 3.40
N CYS A 271 5.06 -16.15 3.62
CA CYS A 271 5.24 -14.95 2.81
C CYS A 271 6.67 -14.41 2.90
N LEU A 272 7.29 -14.66 4.05
CA LEU A 272 8.61 -14.09 4.29
C LEU A 272 9.67 -15.16 4.05
N ALA A 273 9.34 -16.17 3.23
CA ALA A 273 10.35 -17.12 2.79
C ALA A 273 11.47 -16.40 2.04
N LEU A 274 12.71 -16.76 2.35
CA LEU A 274 13.90 -16.14 1.77
C LEU A 274 13.92 -16.32 0.25
N ARG A 275 13.66 -17.55 -0.23
CA ARG A 275 13.60 -17.81 -1.66
C ARG A 275 12.26 -17.31 -2.22
N PRO A 276 12.26 -16.33 -3.14
CA PRO A 276 11.03 -15.86 -3.76
C PRO A 276 10.13 -17.00 -4.23
N SER A 277 10.75 -18.04 -4.81
CA SER A 277 10.02 -19.16 -5.38
C SER A 277 9.24 -19.91 -4.30
N ASP A 278 9.66 -19.77 -3.04
CA ASP A 278 9.08 -20.51 -1.93
C ASP A 278 7.83 -19.81 -1.40
N ARG A 279 7.65 -18.53 -1.77
CA ARG A 279 6.55 -17.73 -1.28
C ARG A 279 5.24 -18.18 -1.92
N PRO A 280 4.10 -18.03 -1.22
CA PRO A 280 2.81 -18.41 -1.79
C PRO A 280 2.35 -17.43 -2.88
N THR A 281 1.51 -17.94 -3.78
CA THR A 281 0.80 -17.07 -4.70
C THR A 281 -0.38 -16.44 -3.95
N PHE A 282 -1.08 -15.52 -4.62
CA PHE A 282 -2.19 -14.85 -3.99
C PHE A 282 -3.31 -15.84 -3.70
N GLU A 283 -3.46 -16.82 -4.60
CA GLU A 283 -4.44 -17.86 -4.41
C GLU A 283 -4.13 -18.62 -3.12
N GLU A 284 -2.85 -18.98 -2.97
CA GLU A 284 -2.37 -19.74 -1.81
C GLU A 284 -2.59 -18.95 -0.52
N ILE A 285 -2.25 -17.66 -0.56
CA ILE A 285 -2.52 -16.76 0.55
C ILE A 285 -4.02 -16.82 0.90
N GLN A 286 -4.89 -16.71 -0.12
CA GLN A 286 -6.30 -16.50 0.13
C GLN A 286 -6.99 -17.83 0.45
N ASN A 287 -6.31 -18.93 0.16
CA ASN A 287 -6.83 -20.26 0.49
C ASN A 287 -6.28 -20.74 1.84
N HIS A 288 -5.37 -19.96 2.44
CA HIS A 288 -4.77 -20.35 3.70
C HIS A 288 -5.83 -20.47 4.78
N PRO A 289 -5.75 -21.48 5.68
CA PRO A 289 -6.73 -21.60 6.78
C PRO A 289 -6.96 -20.31 7.55
N TRP A 290 -5.92 -19.48 7.71
CA TRP A 290 -6.04 -18.28 8.52
C TRP A 290 -6.96 -17.26 7.85
N MET A 291 -7.14 -17.40 6.54
CA MET A 291 -7.83 -16.42 5.72
C MET A 291 -9.33 -16.74 5.62
N GLN A 292 -9.74 -17.88 6.16
CA GLN A 292 -11.13 -18.32 6.07
C GLN A 292 -12.00 -17.43 6.97
N ASP A 293 -13.24 -17.18 6.54
CA ASP A 293 -14.25 -16.51 7.33
C ASP A 293 -13.96 -15.01 7.51
N VAL A 294 -13.62 -14.30 6.43
CA VAL A 294 -13.36 -12.88 6.58
C VAL A 294 -14.67 -12.15 6.87
N LEU A 295 -14.60 -11.05 7.63
CA LEU A 295 -15.74 -10.17 7.86
C LEU A 295 -15.92 -9.25 6.65
N LEU A 296 -17.17 -8.87 6.37
CA LEU A 296 -17.46 -7.85 5.38
C LEU A 296 -16.97 -6.51 5.93
N PRO A 297 -16.58 -5.53 5.08
CA PRO A 297 -16.11 -4.23 5.57
C PRO A 297 -17.11 -3.60 6.53
N GLN A 298 -18.40 -3.80 6.27
CA GLN A 298 -19.48 -3.26 7.06
C GLN A 298 -19.40 -3.81 8.48
N GLU A 299 -19.37 -5.15 8.61
CA GLU A 299 -19.33 -5.82 9.89
C GLU A 299 -18.11 -5.36 10.69
N THR A 300 -16.98 -5.18 10.00
CA THR A 300 -15.72 -4.73 10.56
C THR A 300 -15.90 -3.36 11.22
N ALA A 301 -16.57 -2.43 10.51
CA ALA A 301 -16.85 -1.09 11.01
C ALA A 301 -17.60 -1.15 12.33
N GLU A 302 -18.67 -1.97 12.37
CA GLU A 302 -19.56 -2.07 13.52
C GLU A 302 -18.80 -2.66 14.71
N ILE A 303 -18.01 -3.72 14.45
CA ILE A 303 -17.41 -4.49 15.52
C ILE A 303 -16.11 -3.85 16.01
N HIS A 304 -15.44 -3.06 15.14
CA HIS A 304 -14.06 -2.68 15.42
C HIS A 304 -13.82 -1.19 15.34
N LEU A 305 -14.71 -0.42 14.67
CA LEU A 305 -14.39 0.97 14.41
C LEU A 305 -15.46 1.91 14.94
N HIS A 306 -16.59 1.37 15.39
CA HIS A 306 -17.61 2.22 15.99
C HIS A 306 -17.64 2.00 17.51
N LYS B 3 11.65 1.37 18.99
CA LYS B 3 10.61 2.43 18.86
C LYS B 3 10.02 2.39 17.44
N ARG B 4 8.68 2.40 17.38
CA ARG B 4 7.92 2.32 16.14
C ARG B 4 7.96 3.68 15.43
N ARG B 5 8.26 3.66 14.13
CA ARG B 5 8.36 4.90 13.36
C ARG B 5 8.05 4.67 11.89
N ARG B 6 7.77 5.78 11.18
CA ARG B 6 7.59 5.79 9.74
C ARG B 6 8.95 5.64 9.07
N HIS B 7 8.95 5.09 7.85
CA HIS B 7 10.16 4.94 7.05
C HIS B 7 9.96 5.64 5.71
N PRO B 8 11.02 6.22 5.11
CA PRO B 8 10.91 6.93 3.83
C PRO B 8 10.93 6.00 2.62
N SER B 9 10.45 6.51 1.48
CA SER B 9 10.37 5.76 0.25
C SER B 9 11.72 5.80 -0.49
S SO4 C . -4.50 -13.81 -8.87
O1 SO4 C . -3.13 -13.74 -9.29
O2 SO4 C . -5.32 -14.35 -9.93
O3 SO4 C . -4.61 -14.66 -7.72
O4 SO4 C . -4.97 -12.49 -8.54
N1 OBY D . -5.63 12.29 7.05
C1 OBY D . -6.21 12.31 5.84
O1 OBY D . -7.27 12.89 5.60
C2 OBY D . -5.46 11.63 4.75
S1 OBY D . -6.17 11.54 3.18
C3 OBY D . -4.71 10.93 2.48
C4 OBY D . -3.75 10.78 3.46
C5 OBY D . -4.22 11.04 4.75
C6 OBY D . -4.62 10.62 1.04
C7 OBY D . -5.78 10.47 0.30
C8 OBY D . -5.76 10.17 -1.05
C9 OBY D . -4.57 10.03 -1.73
C10 OBY D . -3.37 10.19 -1.02
C11 OBY D . -3.39 10.49 0.36
S2 OBY D . -1.78 10.06 -1.67
C12 OBY D . -1.06 10.44 -0.14
C13 OBY D . -2.05 10.62 0.87
N2 OBY D . 0.31 10.54 0.02
C14 OBY D . 1.24 10.39 -0.97
C15 OBY D . -6.06 13.09 8.18
C16 OBY D . -5.83 12.54 9.56
O2 OBY D . 0.92 10.10 -2.11
C17 OBY D . 2.66 10.61 -0.55
C18 OBY D . -7.21 12.61 9.00
#